data_5HZV
#
_entry.id   5HZV
#
_cell.length_a   125.160
_cell.length_b   125.160
_cell.length_c   88.540
_cell.angle_alpha   90.00
_cell.angle_beta   90.00
_cell.angle_gamma   120.00
#
_symmetry.space_group_name_H-M   'P 65'
#
loop_
_entity.id
_entity.type
_entity.pdbx_description
1 polymer 'Maltose-binding periplasmic protein,Endoglin'
2 branched alpha-D-glucopyranose-(1-4)-alpha-D-glucopyranose
3 non-polymer GLYCEROL
4 water water
#
_entity_poly.entity_id   1
_entity_poly.type   'polypeptide(L)'
_entity_poly.pdbx_seq_one_letter_code
;ETGTKIEEGKLVIWINGDKGYNGLAEVGKKFEKDTGIKVTVEHPDKLEEKFPQVAATGDGPDIIFWAHDRFGGYAQSGLL
AEITPAAAFQDKLYPFTWDAVRYNGKLIAYPIAVEALSLIYNKDLLPNPPKTWEEIPALDKELKAKGKSALMFNLQEPYF
TWPLIAADGGYAFKYAAGKYDIKDVGVDNAGAKAGLTFLVDLIKNKHMNADTDYSIAEHAFNHGETAMTINGPWAWSNID
TSAVNYGVTVLPTFKGQPSKPFVGVLSAGINAASPNKELAKEFLENYLLTDEGLEAVNKDKPLGAVALKSYEEELVKDPR
VAATMENAQKGEIMPNIPQMSAFWYAVRTAVINAASGRQTVDAALAAAQTNAAAPAPIQTTPPKDTCSPELLMSLIQTKC
ADDAMTLVLKKELVAHLKCTITGLTFWDPSCEAEDRGDKFVLRSAYSSCGMQVSASMISNEAVVNILSSSSPQRKKVHCL
NMDSLSFQLGLYLSPHFLQASNTIEPGQQSFVQVRVSPSVSEFLLQLDSCHLDLGPEGGTVELIQGRAAKGNCVSLLSPS
PEGDPRFSFLLHFYTVPIPKTGTLSCTVALRPKTGSQDQEVHRTVFMRLNIISPDLSGLEHHHHHH
;
_entity_poly.pdbx_strand_id   A
#
# COMPACT_ATOMS: atom_id res chain seq x y z
N LYS A 5 -9.91 4.61 -1.72
CA LYS A 5 -8.53 4.84 -1.30
C LYS A 5 -7.65 3.68 -1.73
N ILE A 6 -6.52 3.49 -1.03
CA ILE A 6 -5.56 2.46 -1.44
C ILE A 6 -6.24 1.09 -1.44
N GLU A 7 -5.97 0.31 -2.49
CA GLU A 7 -6.57 -1.00 -2.63
C GLU A 7 -6.05 -1.95 -1.57
N GLU A 8 -6.97 -2.60 -0.86
CA GLU A 8 -6.62 -3.49 0.23
C GLU A 8 -6.24 -4.86 -0.31
N GLY A 9 -5.13 -5.41 0.18
CA GLY A 9 -4.68 -6.72 -0.19
C GLY A 9 -3.50 -6.75 -1.15
N LYS A 10 -3.21 -5.63 -1.82
CA LYS A 10 -2.14 -5.57 -2.79
C LYS A 10 -1.12 -4.51 -2.39
N LEU A 11 0.12 -4.70 -2.83
CA LEU A 11 1.20 -3.76 -2.60
C LEU A 11 1.46 -2.98 -3.90
N VAL A 12 1.35 -1.65 -3.82
CA VAL A 12 1.63 -0.76 -4.93
C VAL A 12 2.90 0.02 -4.59
N ILE A 13 3.85 0.03 -5.52
CA ILE A 13 5.16 0.65 -5.30
C ILE A 13 5.37 1.74 -6.33
N TRP A 14 5.96 2.86 -5.88
CA TRP A 14 6.38 3.95 -6.74
C TRP A 14 7.88 4.12 -6.63
N ILE A 15 8.54 4.29 -7.77
CA ILE A 15 9.99 4.45 -7.80
C ILE A 15 10.35 5.26 -9.04
N ASN A 16 11.46 5.98 -8.96
CA ASN A 16 11.89 6.82 -10.07
C ASN A 16 12.23 5.97 -11.29
N GLY A 17 11.95 6.51 -12.47
CA GLY A 17 12.11 5.75 -13.69
C GLY A 17 13.55 5.35 -13.98
N ASP A 18 14.51 6.18 -13.55
CA ASP A 18 15.91 5.86 -13.79
C ASP A 18 16.36 4.66 -12.97
N LYS A 19 15.74 4.42 -11.82
CA LYS A 19 16.10 3.30 -10.97
C LYS A 19 15.49 2.02 -11.49
N GLY A 20 16.15 0.90 -11.23
CA GLY A 20 15.62 -0.34 -11.76
C GLY A 20 14.31 -0.68 -11.07
N TYR A 21 13.23 -0.54 -11.80
CA TYR A 21 11.93 -1.05 -11.39
C TYR A 21 11.74 -2.50 -11.82
N ASN A 22 12.34 -2.88 -12.94
CA ASN A 22 12.24 -4.26 -13.43
C ASN A 22 12.91 -5.23 -12.47
N GLY A 23 14.14 -4.89 -12.02
CA GLY A 23 14.78 -5.70 -11.01
C GLY A 23 13.99 -5.77 -9.72
N LEU A 24 13.29 -4.68 -9.39
CA LEU A 24 12.44 -4.68 -8.20
C LEU A 24 11.19 -5.51 -8.41
N ALA A 25 10.53 -5.36 -9.57
CA ALA A 25 9.38 -6.20 -9.88
C ALA A 25 9.76 -7.68 -9.82
N GLU A 26 10.97 -8.02 -10.24
CA GLU A 26 11.43 -9.40 -10.15
C GLU A 26 11.62 -9.83 -8.71
N VAL A 27 11.86 -8.89 -7.80
CA VAL A 27 11.82 -9.20 -6.37
C VAL A 27 10.38 -9.44 -5.93
N GLY A 28 9.46 -8.61 -6.40
CA GLY A 28 8.05 -8.83 -6.08
C GLY A 28 7.53 -10.14 -6.61
N LYS A 29 7.99 -10.56 -7.79
CA LYS A 29 7.57 -11.86 -8.33
C LYS A 29 7.97 -12.99 -7.39
N LYS A 30 9.20 -12.95 -6.88
CA LYS A 30 9.61 -13.92 -5.87
C LYS A 30 8.72 -13.84 -4.64
N PHE A 31 8.24 -12.64 -4.32
CA PHE A 31 7.34 -12.47 -3.18
C PHE A 31 5.97 -13.09 -3.46
N GLU A 32 5.54 -13.10 -4.71
CA GLU A 32 4.23 -13.67 -5.05
C GLU A 32 4.24 -15.18 -4.91
N LYS A 33 5.31 -15.83 -5.35
CA LYS A 33 5.35 -17.29 -5.34
C LYS A 33 5.18 -17.83 -3.92
N ASP A 34 5.88 -17.24 -2.96
CA ASP A 34 5.80 -17.72 -1.58
C ASP A 34 4.52 -17.29 -0.90
N THR A 35 4.23 -15.98 -0.91
CA THR A 35 3.10 -15.45 -0.15
C THR A 35 1.84 -15.20 -0.99
N GLY A 36 1.91 -15.40 -2.30
CA GLY A 36 0.77 -15.09 -3.15
C GLY A 36 0.24 -13.68 -2.96
N ILE A 37 1.12 -12.69 -2.96
CA ILE A 37 0.76 -11.29 -2.83
C ILE A 37 1.35 -10.57 -4.02
N LYS A 38 0.50 -10.03 -4.89
CA LYS A 38 0.97 -9.41 -6.12
C LYS A 38 1.52 -8.01 -5.84
N VAL A 39 2.72 -7.76 -6.36
CA VAL A 39 3.42 -6.48 -6.16
C VAL A 39 3.41 -5.74 -7.48
N THR A 40 2.86 -4.53 -7.47
CA THR A 40 2.76 -3.68 -8.65
C THR A 40 3.80 -2.57 -8.52
N VAL A 41 4.80 -2.59 -9.39
CA VAL A 41 5.84 -1.56 -9.44
C VAL A 41 5.47 -0.57 -10.53
N GLU A 42 5.36 0.70 -10.16
CA GLU A 42 5.06 1.77 -11.11
C GLU A 42 6.13 2.84 -10.96
N HIS A 43 6.32 3.61 -12.04
CA HIS A 43 7.28 4.72 -12.05
C HIS A 43 6.62 5.94 -12.68
N PRO A 44 5.73 6.61 -11.94
CA PRO A 44 5.14 7.85 -12.44
C PRO A 44 6.16 8.99 -12.45
N ASP A 45 5.88 9.97 -13.29
CA ASP A 45 6.69 11.18 -13.32
C ASP A 45 6.34 12.08 -12.15
N LYS A 46 7.37 12.63 -11.51
CA LYS A 46 7.20 13.54 -10.37
C LYS A 46 6.52 12.83 -9.20
N LEU A 47 6.94 11.59 -8.93
CA LEU A 47 6.34 10.83 -7.84
C LEU A 47 6.63 11.46 -6.48
N GLU A 48 7.77 12.15 -6.34
CA GLU A 48 8.08 12.79 -5.06
C GLU A 48 7.16 13.97 -4.80
N GLU A 49 6.88 14.78 -5.83
CA GLU A 49 5.93 15.87 -5.69
C GLU A 49 4.49 15.40 -5.88
N LYS A 50 4.27 14.27 -6.53
CA LYS A 50 2.93 13.74 -6.71
C LYS A 50 2.43 13.03 -5.47
N PHE A 51 3.30 12.24 -4.84
CA PHE A 51 2.94 11.44 -3.67
C PHE A 51 2.22 12.28 -2.61
N PRO A 52 2.80 13.38 -2.13
CA PRO A 52 2.12 14.15 -1.07
C PRO A 52 0.78 14.71 -1.50
N GLN A 53 0.58 14.97 -2.79
CA GLN A 53 -0.69 15.48 -3.27
C GLN A 53 -1.78 14.43 -3.12
N VAL A 54 -1.52 13.20 -3.60
CA VAL A 54 -2.52 12.14 -3.54
C VAL A 54 -2.60 11.55 -2.15
N ALA A 55 -1.45 11.33 -1.49
CA ALA A 55 -1.44 10.65 -0.20
C ALA A 55 -2.36 11.35 0.80
N ALA A 56 -2.35 12.69 0.81
CA ALA A 56 -3.17 13.42 1.77
C ALA A 56 -4.65 13.09 1.63
N THR A 57 -5.08 12.70 0.43
CA THR A 57 -6.47 12.35 0.18
C THR A 57 -6.76 10.87 0.41
N GLY A 58 -5.77 10.09 0.86
CA GLY A 58 -5.94 8.67 1.06
C GLY A 58 -5.52 7.81 -0.11
N ASP A 59 -5.27 8.41 -1.28
CA ASP A 59 -4.88 7.68 -2.47
C ASP A 59 -3.36 7.72 -2.64
N GLY A 60 -2.79 6.62 -3.13
CA GLY A 60 -1.37 6.56 -3.37
C GLY A 60 -0.83 5.15 -3.24
N PRO A 61 0.48 5.00 -3.35
CA PRO A 61 1.09 3.67 -3.21
C PRO A 61 1.19 3.25 -1.75
N ASP A 62 1.33 1.94 -1.57
CA ASP A 62 1.61 1.41 -0.24
C ASP A 62 3.07 1.62 0.14
N ILE A 63 3.97 1.70 -0.83
CA ILE A 63 5.39 1.90 -0.60
C ILE A 63 5.90 2.89 -1.62
N ILE A 64 6.75 3.82 -1.18
CA ILE A 64 7.34 4.83 -2.05
C ILE A 64 8.85 4.80 -1.89
N PHE A 65 9.57 4.80 -3.01
CA PHE A 65 11.02 4.80 -3.03
C PHE A 65 11.53 6.15 -3.49
N TRP A 66 12.39 6.77 -2.68
CA TRP A 66 12.97 8.05 -3.03
C TRP A 66 14.18 8.29 -2.13
N ALA A 67 14.89 9.39 -2.38
CA ALA A 67 15.94 9.83 -1.48
C ALA A 67 15.33 10.26 -0.15
N HIS A 68 16.14 10.14 0.92
CA HIS A 68 15.62 10.35 2.26
C HIS A 68 15.15 11.78 2.48
N ASP A 69 15.80 12.76 1.84
CA ASP A 69 15.54 14.16 2.14
C ASP A 69 14.05 14.49 2.07
N ARG A 70 13.32 13.84 1.15
CA ARG A 70 11.91 14.15 0.97
C ARG A 70 11.02 13.54 2.05
N PHE A 71 11.52 12.57 2.81
CA PHE A 71 10.65 11.84 3.71
C PHE A 71 10.35 12.61 4.99
N GLY A 72 11.23 13.52 5.40
CA GLY A 72 10.95 14.30 6.59
C GLY A 72 9.80 15.27 6.39
N GLY A 73 9.75 15.93 5.23
CA GLY A 73 8.59 16.74 4.89
C GLY A 73 7.32 15.92 4.85
N TYR A 74 7.38 14.72 4.25
CA TYR A 74 6.24 13.82 4.29
C TYR A 74 5.88 13.47 5.73
N ALA A 75 6.89 13.18 6.56
CA ALA A 75 6.63 12.81 7.94
C ALA A 75 5.98 13.96 8.70
N GLN A 76 6.61 15.14 8.68
CA GLN A 76 6.06 16.29 9.38
C GLN A 76 4.63 16.58 8.96
N SER A 77 4.23 16.15 7.75
CA SER A 77 2.86 16.29 7.29
C SER A 77 1.99 15.09 7.64
N GLY A 78 2.58 14.02 8.16
CA GLY A 78 1.82 12.86 8.59
C GLY A 78 1.50 11.86 7.49
N LEU A 79 2.25 11.89 6.39
CA LEU A 79 1.97 11.02 5.26
C LEU A 79 2.70 9.68 5.35
N LEU A 80 3.62 9.52 6.29
CA LEU A 80 4.39 8.29 6.44
C LEU A 80 4.04 7.62 7.75
N ALA A 81 4.21 6.30 7.78
CA ALA A 81 3.97 5.49 8.97
C ALA A 81 5.31 5.05 9.55
N GLU A 82 5.49 5.25 10.85
CA GLU A 82 6.73 4.88 11.50
C GLU A 82 6.99 3.39 11.31
N ILE A 83 8.15 3.05 10.76
CA ILE A 83 8.53 1.66 10.60
C ILE A 83 9.04 1.13 11.94
N THR A 84 8.93 -0.18 12.13
CA THR A 84 9.25 -0.82 13.41
C THR A 84 10.12 -2.04 13.16
N PRO A 85 11.35 -1.84 12.71
CA PRO A 85 12.26 -2.97 12.54
C PRO A 85 12.84 -3.43 13.88
N ALA A 86 13.16 -4.71 13.95
CA ALA A 86 13.74 -5.27 15.15
C ALA A 86 15.22 -4.92 15.23
N ALA A 87 15.70 -4.72 16.45
CA ALA A 87 17.10 -4.37 16.67
C ALA A 87 18.03 -5.31 15.93
N ALA A 88 17.73 -6.61 15.95
CA ALA A 88 18.54 -7.57 15.20
C ALA A 88 18.58 -7.22 13.72
N PHE A 89 17.51 -6.63 13.20
CA PHE A 89 17.48 -6.23 11.80
C PHE A 89 18.24 -4.94 11.57
N GLN A 90 18.11 -3.96 12.47
CA GLN A 90 18.75 -2.67 12.27
C GLN A 90 20.26 -2.80 12.27
N ASP A 91 20.81 -3.79 12.97
CA ASP A 91 22.25 -3.99 12.97
C ASP A 91 22.75 -4.53 11.64
N LYS A 92 21.87 -5.14 10.84
CA LYS A 92 22.25 -5.63 9.52
C LYS A 92 22.52 -4.50 8.54
N LEU A 93 22.11 -3.27 8.86
CA LEU A 93 22.35 -2.11 8.02
C LEU A 93 23.29 -1.14 8.72
N TYR A 94 24.01 -0.36 7.92
CA TYR A 94 24.97 0.58 8.49
C TYR A 94 24.24 1.63 9.33
N PRO A 95 24.78 2.01 10.49
CA PRO A 95 24.05 2.96 11.35
C PRO A 95 23.78 4.30 10.70
N PHE A 96 24.67 4.79 9.83
CA PHE A 96 24.47 6.12 9.28
C PHE A 96 23.26 6.18 8.35
N THR A 97 22.88 5.05 7.74
CA THR A 97 21.68 5.04 6.91
C THR A 97 20.43 5.19 7.76
N TRP A 98 20.40 4.55 8.93
CA TRP A 98 19.27 4.72 9.83
C TRP A 98 19.17 6.16 10.32
N ASP A 99 20.29 6.89 10.38
CA ASP A 99 20.23 8.29 10.75
C ASP A 99 19.53 9.12 9.69
N ALA A 100 19.69 8.77 8.42
CA ALA A 100 19.05 9.54 7.36
C ALA A 100 17.53 9.41 7.42
N VAL A 101 17.03 8.22 7.77
CA VAL A 101 15.59 7.98 7.79
C VAL A 101 14.97 8.25 9.16
N ARG A 102 15.76 8.71 10.12
CA ARG A 102 15.24 9.00 11.44
C ARG A 102 14.64 10.41 11.45
N TYR A 103 13.41 10.53 11.94
CA TYR A 103 12.74 11.83 12.05
C TYR A 103 11.99 11.89 13.37
N ASN A 104 12.23 12.96 14.12
CA ASN A 104 11.64 13.13 15.45
C ASN A 104 11.81 11.86 16.28
N GLY A 105 13.01 11.30 16.22
CA GLY A 105 13.31 10.07 16.92
C GLY A 105 12.61 8.85 16.37
N LYS A 106 11.88 8.97 15.27
CA LYS A 106 11.16 7.86 14.67
C LYS A 106 11.84 7.47 13.36
N LEU A 107 11.75 6.18 13.04
CA LEU A 107 12.17 5.68 11.73
C LEU A 107 10.96 5.68 10.82
N ILE A 108 10.98 6.53 9.79
CA ILE A 108 9.85 6.69 8.88
C ILE A 108 10.03 5.92 7.58
N ALA A 109 11.19 5.30 7.37
CA ALA A 109 11.45 4.62 6.10
C ALA A 109 12.58 3.62 6.29
N TYR A 110 12.66 2.67 5.35
CA TYR A 110 13.74 1.69 5.33
C TYR A 110 14.82 2.17 4.37
N PRO A 111 16.06 2.39 4.82
CA PRO A 111 17.12 2.72 3.86
C PRO A 111 17.47 1.53 2.97
N ILE A 112 17.65 1.83 1.69
CA ILE A 112 17.98 0.80 0.69
C ILE A 112 19.43 0.94 0.23
N ALA A 113 19.78 2.07 -0.36
CA ALA A 113 21.10 2.26 -0.93
C ALA A 113 21.58 3.69 -0.67
N VAL A 114 22.89 3.88 -0.78
CA VAL A 114 23.53 5.17 -0.57
C VAL A 114 23.96 5.69 -1.94
N GLU A 115 23.41 6.83 -2.34
CA GLU A 115 23.61 7.39 -3.68
C GLU A 115 24.42 8.67 -3.59
N ALA A 116 25.50 8.73 -4.36
CA ALA A 116 26.33 9.92 -4.46
C ALA A 116 26.81 10.09 -5.89
N LEU A 117 26.77 11.32 -6.38
CA LEU A 117 27.24 11.60 -7.74
C LEU A 117 28.73 11.33 -7.85
N SER A 118 29.14 10.89 -9.04
CA SER A 118 30.53 10.65 -9.35
C SER A 118 30.84 11.22 -10.72
N LEU A 119 32.12 11.29 -11.05
CA LEU A 119 32.57 11.71 -12.38
C LEU A 119 32.76 10.47 -13.23
N ILE A 120 31.95 10.34 -14.27
CA ILE A 120 32.07 9.25 -15.24
C ILE A 120 32.77 9.79 -16.47
N TYR A 121 33.74 9.06 -16.98
CA TYR A 121 34.53 9.52 -18.11
C TYR A 121 34.69 8.40 -19.13
N ASN A 122 35.02 8.80 -20.35
CA ASN A 122 35.19 7.87 -21.47
C ASN A 122 36.66 7.47 -21.53
N LYS A 123 36.94 6.20 -21.25
CA LYS A 123 38.33 5.73 -21.27
C LYS A 123 38.92 5.80 -22.67
N ASP A 124 38.15 5.40 -23.68
CA ASP A 124 38.64 5.44 -25.06
C ASP A 124 39.10 6.84 -25.42
N LEU A 125 38.31 7.86 -25.06
CA LEU A 125 38.68 9.24 -25.32
C LEU A 125 39.75 9.73 -24.36
N LEU A 126 39.52 9.52 -23.06
CA LEU A 126 40.28 10.20 -22.01
C LEU A 126 40.70 9.17 -20.96
N PRO A 127 41.87 8.54 -21.14
CA PRO A 127 42.27 7.50 -20.19
C PRO A 127 42.52 8.01 -18.79
N ASN A 128 42.95 9.27 -18.65
CA ASN A 128 43.31 9.84 -17.35
C ASN A 128 42.54 11.15 -17.17
N PRO A 129 41.37 11.12 -16.54
CA PRO A 129 40.55 12.34 -16.44
C PRO A 129 41.25 13.39 -15.59
N PRO A 130 40.84 14.65 -15.72
CA PRO A 130 41.49 15.71 -14.96
C PRO A 130 41.17 15.61 -13.48
N LYS A 131 42.12 16.07 -12.65
CA LYS A 131 41.93 16.03 -11.21
C LYS A 131 41.11 17.20 -10.70
N THR A 132 41.02 18.30 -11.44
CA THR A 132 40.42 19.52 -10.94
C THR A 132 39.42 20.09 -11.93
N TRP A 133 38.53 20.93 -11.41
CA TRP A 133 37.61 21.67 -12.27
C TRP A 133 38.33 22.73 -13.09
N GLU A 134 39.40 23.32 -12.54
CA GLU A 134 40.03 24.46 -13.18
C GLU A 134 40.56 24.12 -14.58
N GLU A 135 40.91 22.86 -14.82
CA GLU A 135 41.53 22.45 -16.07
C GLU A 135 40.54 21.90 -17.09
N ILE A 136 39.24 21.93 -16.78
CA ILE A 136 38.24 21.52 -17.78
C ILE A 136 38.28 22.44 -18.98
N PRO A 137 38.35 23.77 -18.83
CA PRO A 137 38.44 24.63 -20.02
C PRO A 137 39.57 24.24 -20.96
N ALA A 138 40.76 23.98 -20.42
CA ALA A 138 41.87 23.54 -21.26
C ALA A 138 41.58 22.19 -21.90
N LEU A 139 40.81 21.34 -21.22
CA LEU A 139 40.45 20.05 -21.78
C LEU A 139 39.42 20.21 -22.90
N ASP A 140 38.27 20.79 -22.56
CA ASP A 140 37.23 21.05 -23.57
C ASP A 140 37.81 21.68 -24.82
N LYS A 141 38.76 22.60 -24.65
CA LYS A 141 39.41 23.20 -25.81
C LYS A 141 40.04 22.14 -26.71
N GLU A 142 40.87 21.27 -26.14
CA GLU A 142 41.52 20.24 -26.93
C GLU A 142 40.51 19.37 -27.67
N LEU A 143 39.34 19.14 -27.08
CA LEU A 143 38.35 18.24 -27.67
C LEU A 143 37.55 18.92 -28.77
N LYS A 144 37.16 20.18 -28.58
CA LYS A 144 36.36 20.87 -29.58
C LYS A 144 37.03 20.88 -30.94
N ALA A 145 38.36 20.90 -30.97
CA ALA A 145 39.08 20.77 -32.23
C ALA A 145 38.79 19.43 -32.89
N LYS A 146 38.46 18.42 -32.10
CA LYS A 146 38.08 17.11 -32.60
C LYS A 146 36.57 16.93 -32.74
N GLY A 147 35.80 17.98 -32.48
CA GLY A 147 34.36 17.90 -32.61
C GLY A 147 33.67 17.27 -31.40
N LYS A 148 34.22 17.47 -30.21
CA LYS A 148 33.71 16.85 -29.00
C LYS A 148 33.69 17.89 -27.88
N SER A 149 33.25 17.46 -26.70
CA SER A 149 33.24 18.32 -25.52
C SER A 149 33.76 17.53 -24.32
N ALA A 150 34.26 18.25 -23.33
CA ALA A 150 34.87 17.61 -22.17
C ALA A 150 33.83 17.07 -21.20
N LEU A 151 32.81 17.86 -20.88
CA LEU A 151 31.88 17.50 -19.82
C LEU A 151 30.47 17.92 -20.19
N MET A 152 29.51 17.03 -19.95
CA MET A 152 28.10 17.35 -20.06
C MET A 152 27.35 16.66 -18.94
N PHE A 153 26.50 17.42 -18.26
CA PHE A 153 25.69 16.86 -17.18
C PHE A 153 24.46 17.75 -17.02
N ASN A 154 23.46 17.24 -16.31
CA ASN A 154 22.19 17.92 -16.21
C ASN A 154 22.35 19.20 -15.38
N LEU A 155 22.04 20.34 -15.99
CA LEU A 155 22.04 21.63 -15.32
C LEU A 155 20.67 22.08 -14.88
N GLN A 156 19.63 21.29 -15.15
CA GLN A 156 18.26 21.64 -14.78
C GLN A 156 17.88 21.13 -13.40
N GLU A 157 18.70 20.27 -12.80
CA GLU A 157 18.51 19.83 -11.42
C GLU A 157 19.71 20.27 -10.59
N PRO A 158 19.54 21.09 -9.56
CA PRO A 158 20.70 21.53 -8.78
C PRO A 158 21.46 20.41 -8.09
N TYR A 159 20.84 19.23 -7.95
CA TYR A 159 21.52 18.08 -7.39
C TYR A 159 22.86 17.85 -8.07
N PHE A 160 22.90 18.05 -9.39
CA PHE A 160 24.13 17.85 -10.15
C PHE A 160 25.07 19.04 -10.07
N THR A 161 24.54 20.24 -9.82
CA THR A 161 25.37 21.42 -9.67
C THR A 161 25.84 21.66 -8.23
N TRP A 162 25.22 21.00 -7.26
CA TRP A 162 25.55 21.26 -5.85
C TRP A 162 26.98 20.84 -5.51
N PRO A 163 27.47 19.70 -6.03
CA PRO A 163 28.85 19.31 -5.71
C PRO A 163 29.86 20.44 -5.94
N LEU A 164 29.68 21.21 -7.01
CA LEU A 164 30.57 22.34 -7.27
C LEU A 164 30.22 23.54 -6.39
N ILE A 165 28.97 23.67 -5.97
CA ILE A 165 28.55 24.81 -5.17
C ILE A 165 29.07 24.67 -3.74
N ALA A 166 29.04 23.46 -3.19
CA ALA A 166 29.45 23.21 -1.82
C ALA A 166 30.94 22.95 -1.67
N ALA A 167 31.69 22.87 -2.77
CA ALA A 167 33.12 22.56 -2.67
C ALA A 167 33.87 23.67 -1.96
N ASP A 168 33.50 24.93 -2.22
CA ASP A 168 34.16 26.08 -1.61
C ASP A 168 33.51 26.50 -0.30
N GLY A 169 32.58 25.69 0.24
CA GLY A 169 31.91 26.00 1.48
C GLY A 169 30.44 26.34 1.37
N GLY A 170 29.85 26.28 0.17
CA GLY A 170 28.41 26.42 0.08
C GLY A 170 27.71 25.32 0.87
N TYR A 171 26.59 25.69 1.50
CA TYR A 171 25.85 24.75 2.33
C TYR A 171 24.38 25.13 2.34
N ALA A 172 23.51 24.12 2.46
CA ALA A 172 22.08 24.37 2.52
C ALA A 172 21.68 24.95 3.88
N PHE A 173 21.99 24.22 4.96
CA PHE A 173 21.63 24.62 6.30
C PHE A 173 22.75 24.21 7.24
N LYS A 174 23.12 25.11 8.15
CA LYS A 174 24.14 24.76 9.13
C LYS A 174 23.53 23.95 10.26
N TYR A 175 24.31 23.01 10.79
CA TYR A 175 23.89 22.11 11.85
C TYR A 175 24.55 22.56 13.15
N ALA A 176 23.75 22.96 14.12
CA ALA A 176 24.25 23.42 15.41
C ALA A 176 23.27 23.05 16.51
N ALA A 177 23.80 22.76 17.69
CA ALA A 177 22.98 22.39 18.85
C ALA A 177 22.13 21.15 18.56
N GLY A 178 22.60 20.30 17.65
CA GLY A 178 21.91 19.06 17.36
C GLY A 178 20.75 19.17 16.39
N LYS A 179 20.52 20.35 15.81
CA LYS A 179 19.41 20.55 14.89
C LYS A 179 19.85 21.48 13.77
N TYR A 180 19.19 21.34 12.62
CA TYR A 180 19.43 22.23 11.50
C TYR A 180 18.74 23.56 11.74
N ASP A 181 19.47 24.66 11.60
CA ASP A 181 18.92 25.99 11.80
C ASP A 181 18.39 26.47 10.47
N ILE A 182 17.06 26.63 10.38
CA ILE A 182 16.43 27.00 9.13
C ILE A 182 16.62 28.47 8.82
N LYS A 183 16.81 29.31 9.84
CA LYS A 183 17.06 30.72 9.61
C LYS A 183 18.43 30.97 8.99
N ASP A 184 19.36 30.03 9.13
CA ASP A 184 20.72 30.18 8.61
C ASP A 184 20.85 29.35 7.34
N VAL A 185 21.02 30.03 6.21
CA VAL A 185 21.09 29.41 4.90
C VAL A 185 22.39 29.81 4.23
N GLY A 186 23.06 28.85 3.61
CA GLY A 186 24.39 29.05 3.07
C GLY A 186 24.45 29.21 1.56
N VAL A 187 23.34 29.63 0.95
CA VAL A 187 23.30 29.75 -0.50
C VAL A 187 24.01 31.01 -0.97
N ASP A 188 23.85 32.12 -0.25
CA ASP A 188 24.43 33.39 -0.66
C ASP A 188 25.89 33.53 -0.26
N ASN A 189 26.46 32.56 0.44
CA ASN A 189 27.83 32.70 0.91
C ASN A 189 28.79 32.70 -0.27
N ALA A 190 29.98 33.25 -0.02
CA ALA A 190 30.98 33.38 -1.07
C ALA A 190 31.41 32.03 -1.64
N GLY A 191 31.26 30.95 -0.87
CA GLY A 191 31.61 29.64 -1.39
C GLY A 191 30.68 29.19 -2.51
N ALA A 192 29.38 29.41 -2.35
CA ALA A 192 28.43 29.11 -3.42
C ALA A 192 28.65 30.05 -4.61
N LYS A 193 28.69 31.36 -4.35
CA LYS A 193 28.90 32.30 -5.44
C LYS A 193 30.17 31.98 -6.23
N ALA A 194 31.17 31.40 -5.58
CA ALA A 194 32.39 31.04 -6.28
C ALA A 194 32.18 29.81 -7.16
N GLY A 195 31.42 28.83 -6.67
CA GLY A 195 31.13 27.66 -7.47
C GLY A 195 30.22 27.97 -8.64
N LEU A 196 29.08 28.60 -8.38
CA LEU A 196 28.15 28.91 -9.45
C LEU A 196 28.78 29.80 -10.50
N THR A 197 29.57 30.79 -10.07
CA THR A 197 30.30 31.63 -11.02
C THR A 197 31.17 30.78 -11.93
N PHE A 198 31.85 29.78 -11.37
CA PHE A 198 32.67 28.90 -12.20
C PHE A 198 31.83 28.19 -13.24
N LEU A 199 30.64 27.72 -12.85
CA LEU A 199 29.73 27.08 -13.82
C LEU A 199 29.34 28.07 -14.90
N VAL A 200 28.85 29.25 -14.50
CA VAL A 200 28.47 30.28 -15.47
C VAL A 200 29.64 30.58 -16.40
N ASP A 201 30.85 30.66 -15.84
CA ASP A 201 32.01 30.97 -16.66
C ASP A 201 32.27 29.89 -17.70
N LEU A 202 31.92 28.64 -17.39
CA LEU A 202 32.03 27.58 -18.39
C LEU A 202 31.02 27.78 -19.51
N ILE A 203 29.81 28.21 -19.16
CA ILE A 203 28.79 28.46 -20.17
C ILE A 203 29.17 29.67 -21.02
N LYS A 204 29.61 30.76 -20.36
CA LYS A 204 29.99 31.95 -21.11
C LYS A 204 31.12 31.67 -22.08
N ASN A 205 32.12 30.90 -21.64
CA ASN A 205 33.24 30.53 -22.50
C ASN A 205 32.86 29.51 -23.56
N LYS A 206 31.63 29.02 -23.57
CA LYS A 206 31.09 28.07 -24.53
C LYS A 206 31.42 26.64 -24.13
N HIS A 207 32.15 26.42 -23.03
CA HIS A 207 32.51 25.07 -22.61
C HIS A 207 31.31 24.24 -22.18
N MET A 208 30.18 24.88 -21.87
CA MET A 208 28.96 24.15 -21.57
C MET A 208 27.77 24.96 -22.06
N ASN A 209 26.64 24.26 -22.24
CA ASN A 209 25.40 24.85 -22.73
C ASN A 209 24.38 24.87 -21.61
N ALA A 210 23.74 26.03 -21.41
CA ALA A 210 22.85 26.21 -20.27
C ALA A 210 21.64 25.29 -20.35
N ASP A 211 21.19 24.97 -21.55
CA ASP A 211 19.96 24.20 -21.71
C ASP A 211 20.14 22.71 -21.48
N THR A 212 21.38 22.24 -21.28
CA THR A 212 21.62 20.81 -21.12
C THR A 212 20.76 20.24 -20.01
N ASP A 213 20.16 19.08 -20.29
CA ASP A 213 19.33 18.36 -19.33
C ASP A 213 19.87 16.94 -19.17
N TYR A 214 19.15 16.12 -18.40
CA TYR A 214 19.62 14.78 -18.10
C TYR A 214 19.65 13.91 -19.35
N SER A 215 18.52 13.82 -20.06
CA SER A 215 18.43 12.90 -21.19
C SER A 215 19.36 13.30 -22.33
N ILE A 216 19.65 14.60 -22.46
CA ILE A 216 20.61 15.04 -23.47
C ILE A 216 22.03 14.70 -23.01
N ALA A 217 22.32 14.90 -21.73
CA ALA A 217 23.65 14.55 -21.22
C ALA A 217 23.90 13.06 -21.30
N GLU A 218 22.88 12.25 -21.00
CA GLU A 218 23.05 10.80 -21.08
C GLU A 218 23.25 10.36 -22.53
N HIS A 219 22.48 10.94 -23.46
CA HIS A 219 22.66 10.61 -24.86
C HIS A 219 24.03 11.03 -25.36
N ALA A 220 24.57 12.13 -24.85
CA ALA A 220 25.83 12.65 -25.36
C ALA A 220 27.01 11.78 -24.94
N PHE A 221 27.01 11.30 -23.70
CA PHE A 221 28.13 10.50 -23.22
C PHE A 221 28.09 9.08 -23.79
N ASN A 222 26.91 8.44 -23.76
CA ASN A 222 26.81 7.08 -24.28
C ASN A 222 27.14 7.03 -25.77
N HIS A 223 26.85 8.09 -26.51
CA HIS A 223 27.09 8.15 -27.94
C HIS A 223 28.41 8.80 -28.31
N GLY A 224 29.25 9.13 -27.33
CA GLY A 224 30.59 9.58 -27.60
C GLY A 224 30.73 11.04 -27.94
N GLU A 225 29.71 11.85 -27.70
CA GLU A 225 29.81 13.28 -27.98
C GLU A 225 30.64 14.02 -26.95
N THR A 226 30.70 13.52 -25.71
CA THR A 226 31.43 14.19 -24.65
C THR A 226 32.28 13.16 -23.89
N ALA A 227 33.41 13.64 -23.36
CA ALA A 227 34.38 12.77 -22.70
C ALA A 227 33.99 12.44 -21.26
N MET A 228 33.24 13.31 -20.59
CA MET A 228 32.93 13.11 -19.18
C MET A 228 31.48 13.50 -18.92
N THR A 229 30.97 13.00 -17.79
CA THR A 229 29.65 13.36 -17.32
C THR A 229 29.59 13.12 -15.82
N ILE A 230 28.60 13.74 -15.17
CA ILE A 230 28.34 13.56 -13.75
C ILE A 230 26.98 12.90 -13.62
N ASN A 231 26.95 11.73 -12.97
CA ASN A 231 25.71 11.00 -12.78
C ASN A 231 25.88 10.06 -11.60
N GLY A 232 24.81 9.32 -11.30
CA GLY A 232 24.81 8.37 -10.21
C GLY A 232 24.94 6.94 -10.69
N PRO A 233 24.96 6.00 -9.74
CA PRO A 233 25.14 4.59 -10.13
C PRO A 233 24.09 4.07 -11.09
N TRP A 234 22.85 4.56 -10.98
CA TRP A 234 21.77 4.07 -11.83
C TRP A 234 22.15 4.16 -13.31
N ALA A 235 22.95 5.16 -13.68
CA ALA A 235 23.27 5.40 -15.08
C ALA A 235 24.24 4.40 -15.68
N TRP A 236 24.99 3.66 -14.85
CA TRP A 236 26.00 2.76 -15.38
C TRP A 236 25.40 1.69 -16.29
N SER A 237 24.12 1.36 -16.10
CA SER A 237 23.48 0.33 -16.93
C SER A 237 23.45 0.75 -18.39
N ASN A 238 22.83 1.91 -18.67
CA ASN A 238 22.69 2.35 -20.06
C ASN A 238 24.05 2.53 -20.71
N ILE A 239 25.05 2.95 -19.93
CA ILE A 239 26.41 3.04 -20.45
C ILE A 239 26.92 1.64 -20.80
N ASP A 240 26.42 0.62 -20.12
CA ASP A 240 26.79 -0.75 -20.45
C ASP A 240 26.04 -1.24 -21.69
N THR A 241 24.76 -0.90 -21.82
CA THR A 241 24.05 -1.15 -23.07
C THR A 241 24.82 -0.53 -24.23
N SER A 242 25.30 0.69 -24.06
CA SER A 242 26.29 1.25 -24.96
C SER A 242 27.63 0.55 -24.75
N ALA A 243 28.48 0.64 -25.77
CA ALA A 243 29.78 -0.01 -25.72
C ALA A 243 30.85 0.87 -25.11
N VAL A 244 30.48 2.05 -24.59
CA VAL A 244 31.46 2.99 -24.06
C VAL A 244 32.33 2.29 -23.03
N ASN A 245 33.64 2.41 -23.19
CA ASN A 245 34.60 1.93 -22.21
C ASN A 245 34.84 3.09 -21.23
N TYR A 246 34.40 2.91 -19.99
CA TYR A 246 34.30 4.03 -19.06
C TYR A 246 34.80 3.60 -17.68
N GLY A 247 34.98 4.60 -16.82
CA GLY A 247 35.36 4.36 -15.45
C GLY A 247 34.77 5.44 -14.56
N VAL A 248 34.69 5.12 -13.28
CA VAL A 248 34.13 6.02 -12.27
C VAL A 248 35.25 6.43 -11.33
N THR A 249 35.41 7.74 -11.15
CA THR A 249 36.46 8.29 -10.30
C THR A 249 35.88 9.41 -9.45
N VAL A 250 36.67 9.83 -8.46
CA VAL A 250 36.25 10.92 -7.58
C VAL A 250 36.02 12.18 -8.37
N LEU A 251 35.01 12.96 -7.96
CA LEU A 251 34.75 14.23 -8.60
C LEU A 251 35.99 15.11 -8.53
N PRO A 252 36.25 15.92 -9.56
CA PRO A 252 37.41 16.82 -9.50
C PRO A 252 37.25 17.83 -8.37
N THR A 253 38.37 18.44 -7.98
CA THR A 253 38.34 19.40 -6.89
C THR A 253 38.08 20.81 -7.44
N PHE A 254 37.85 21.74 -6.52
CA PHE A 254 37.61 23.14 -6.86
C PHE A 254 38.35 24.00 -5.85
N LYS A 255 39.22 24.89 -6.34
CA LYS A 255 40.07 25.70 -5.46
C LYS A 255 40.87 24.84 -4.50
N GLY A 256 41.19 23.61 -4.92
CA GLY A 256 41.90 22.66 -4.09
C GLY A 256 41.02 21.84 -3.18
N GLN A 257 39.77 22.27 -2.94
CA GLN A 257 38.86 21.54 -2.07
C GLN A 257 38.09 20.48 -2.86
N PRO A 258 37.84 19.30 -2.28
CA PRO A 258 37.05 18.31 -3.00
C PRO A 258 35.65 18.81 -3.28
N SER A 259 34.99 18.17 -4.25
CA SER A 259 33.60 18.46 -4.55
C SER A 259 32.72 17.71 -3.56
N LYS A 260 31.88 18.46 -2.83
CA LYS A 260 31.00 17.83 -1.85
C LYS A 260 29.64 17.59 -2.50
N PRO A 261 29.31 16.37 -2.91
CA PRO A 261 27.95 16.09 -3.36
C PRO A 261 27.00 15.89 -2.20
N PHE A 262 25.77 16.31 -2.39
CA PHE A 262 24.71 15.94 -1.46
C PHE A 262 24.41 14.46 -1.63
N VAL A 263 24.54 13.70 -0.54
CA VAL A 263 24.41 12.25 -0.59
C VAL A 263 23.01 11.89 -0.14
N GLY A 264 22.23 11.32 -1.06
CA GLY A 264 20.94 10.78 -0.72
C GLY A 264 21.02 9.30 -0.37
N VAL A 265 20.10 8.88 0.49
CA VAL A 265 19.95 7.47 0.86
C VAL A 265 18.62 7.01 0.30
N LEU A 266 18.67 6.16 -0.71
CA LEU A 266 17.45 5.64 -1.28
C LEU A 266 16.69 4.86 -0.21
N SER A 267 15.45 5.26 0.04
CA SER A 267 14.70 4.75 1.17
C SER A 267 13.28 4.43 0.72
N ALA A 268 12.69 3.44 1.38
CA ALA A 268 11.32 3.00 1.09
C ALA A 268 10.45 3.36 2.28
N GLY A 269 9.59 4.36 2.11
CA GLY A 269 8.62 4.70 3.11
C GLY A 269 7.33 3.92 2.93
N ILE A 270 6.56 3.84 4.02
CA ILE A 270 5.27 3.15 4.01
C ILE A 270 4.18 4.19 4.20
N ASN A 271 3.17 4.13 3.34
CA ASN A 271 2.11 5.14 3.35
C ASN A 271 1.35 5.11 4.66
N ALA A 272 1.07 6.29 5.21
CA ALA A 272 0.33 6.39 6.46
C ALA A 272 -1.10 5.90 6.31
N ALA A 273 -1.66 5.92 5.10
CA ALA A 273 -3.01 5.46 4.86
C ALA A 273 -3.09 4.01 4.37
N SER A 274 -1.95 3.35 4.18
CA SER A 274 -1.95 2.01 3.61
C SER A 274 -2.45 1.00 4.64
N PRO A 275 -3.44 0.17 4.29
CA PRO A 275 -3.84 -0.90 5.22
C PRO A 275 -2.85 -2.05 5.27
N ASN A 276 -1.97 -2.17 4.27
CA ASN A 276 -1.12 -3.33 4.07
C ASN A 276 0.22 -3.23 4.78
N LYS A 277 0.39 -2.25 5.67
CA LYS A 277 1.68 -1.94 6.29
C LYS A 277 2.41 -3.20 6.73
N GLU A 278 1.68 -4.17 7.30
CA GLU A 278 2.31 -5.43 7.68
C GLU A 278 2.96 -6.10 6.49
N LEU A 279 2.24 -6.15 5.35
CA LEU A 279 2.80 -6.75 4.15
C LEU A 279 4.02 -5.99 3.66
N ALA A 280 3.91 -4.65 3.57
CA ALA A 280 5.05 -3.83 3.19
C ALA A 280 6.27 -4.16 4.05
N LYS A 281 6.07 -4.30 5.36
CA LYS A 281 7.18 -4.65 6.25
C LYS A 281 7.73 -6.03 5.90
N GLU A 282 6.84 -7.02 5.78
CA GLU A 282 7.29 -8.37 5.49
C GLU A 282 8.05 -8.42 4.17
N PHE A 283 7.62 -7.62 3.19
CA PHE A 283 8.28 -7.63 1.89
C PHE A 283 9.64 -6.92 1.96
N LEU A 284 9.67 -5.75 2.60
CA LEU A 284 10.90 -4.95 2.58
C LEU A 284 12.00 -5.61 3.41
N GLU A 285 11.67 -6.03 4.63
CA GLU A 285 12.68 -6.61 5.52
C GLU A 285 13.12 -7.99 5.04
N ASN A 286 12.17 -8.88 4.79
CA ASN A 286 12.51 -10.28 4.55
C ASN A 286 13.01 -10.51 3.12
N TYR A 287 12.46 -9.78 2.14
CA TYR A 287 12.75 -10.03 0.74
C TYR A 287 13.60 -8.92 0.11
N LEU A 288 13.07 -7.70 0.03
CA LEU A 288 13.81 -6.64 -0.66
C LEU A 288 15.18 -6.43 -0.02
N LEU A 289 15.25 -6.35 1.30
CA LEU A 289 16.52 -6.14 1.99
C LEU A 289 17.09 -7.51 2.34
N THR A 290 18.10 -7.92 1.57
CA THR A 290 18.71 -9.24 1.58
C THR A 290 19.84 -9.19 0.56
N ASP A 291 20.74 -10.18 0.64
CA ASP A 291 21.80 -10.27 -0.37
C ASP A 291 21.21 -10.54 -1.75
N GLU A 292 20.23 -11.44 -1.84
CA GLU A 292 19.62 -11.77 -3.11
C GLU A 292 18.76 -10.62 -3.63
N GLY A 293 17.83 -10.13 -2.80
CA GLY A 293 16.92 -9.10 -3.24
C GLY A 293 17.62 -7.89 -3.82
N LEU A 294 18.67 -7.41 -3.14
CA LEU A 294 19.40 -6.25 -3.62
C LEU A 294 20.15 -6.55 -4.92
N GLU A 295 20.65 -7.79 -5.07
CA GLU A 295 21.34 -8.14 -6.30
C GLU A 295 20.39 -8.12 -7.49
N ALA A 296 19.14 -8.55 -7.28
CA ALA A 296 18.15 -8.54 -8.36
C ALA A 296 17.91 -7.12 -8.86
N VAL A 297 17.77 -6.16 -7.93
CA VAL A 297 17.60 -4.78 -8.34
C VAL A 297 18.88 -4.25 -8.97
N ASN A 298 20.04 -4.65 -8.44
CA ASN A 298 21.30 -4.15 -8.95
C ASN A 298 21.57 -4.65 -10.37
N LYS A 299 21.09 -5.84 -10.72
CA LYS A 299 21.29 -6.35 -12.07
C LYS A 299 20.52 -5.52 -13.09
N ASP A 300 19.27 -5.18 -12.80
CA ASP A 300 18.52 -4.31 -13.69
C ASP A 300 19.16 -2.93 -13.76
N LYS A 301 19.30 -2.28 -12.61
CA LYS A 301 19.96 -0.99 -12.54
C LYS A 301 20.88 -0.98 -11.33
N PRO A 302 22.08 -0.43 -11.45
CA PRO A 302 23.00 -0.42 -10.31
C PRO A 302 22.49 0.47 -9.19
N LEU A 303 22.51 -0.06 -7.96
CA LEU A 303 22.21 0.72 -6.77
C LEU A 303 23.43 1.43 -6.20
N GLY A 304 24.63 1.05 -6.62
CA GLY A 304 25.83 1.59 -6.00
C GLY A 304 26.01 1.02 -4.60
N ALA A 305 26.34 1.91 -3.66
CA ALA A 305 26.48 1.49 -2.27
C ALA A 305 25.12 1.12 -1.69
N VAL A 306 25.09 0.04 -0.93
CA VAL A 306 23.86 -0.48 -0.36
C VAL A 306 23.90 -0.34 1.15
N ALA A 307 22.71 -0.24 1.75
CA ALA A 307 22.61 -0.09 3.20
C ALA A 307 22.93 -1.40 3.93
N LEU A 308 22.67 -2.53 3.28
CA LEU A 308 22.93 -3.82 3.91
C LEU A 308 24.43 -4.06 4.03
N LYS A 309 24.89 -4.32 5.25
CA LYS A 309 26.32 -4.54 5.47
C LYS A 309 26.82 -5.74 4.67
N SER A 310 26.15 -6.89 4.80
CA SER A 310 26.65 -8.12 4.21
C SER A 310 26.85 -7.97 2.70
N TYR A 311 25.80 -7.51 2.00
CA TYR A 311 25.92 -7.36 0.56
C TYR A 311 26.91 -6.25 0.21
N GLU A 312 26.95 -5.18 1.01
CA GLU A 312 27.85 -4.08 0.71
C GLU A 312 29.29 -4.56 0.60
N GLU A 313 29.75 -5.33 1.59
CA GLU A 313 31.15 -5.76 1.62
C GLU A 313 31.58 -6.34 0.28
N GLU A 314 30.69 -7.07 -0.37
CA GLU A 314 30.97 -7.57 -1.71
C GLU A 314 31.00 -6.43 -2.73
N LEU A 315 30.03 -5.52 -2.66
CA LEU A 315 29.94 -4.45 -3.66
C LEU A 315 31.11 -3.49 -3.56
N VAL A 316 31.66 -3.27 -2.37
CA VAL A 316 32.75 -2.31 -2.22
C VAL A 316 33.95 -2.71 -3.04
N LYS A 317 34.13 -4.02 -3.26
CA LYS A 317 35.23 -4.49 -4.10
C LYS A 317 35.12 -3.92 -5.52
N ASP A 318 33.90 -3.68 -5.99
CA ASP A 318 33.72 -3.06 -7.30
C ASP A 318 34.39 -1.69 -7.32
N PRO A 319 35.26 -1.41 -8.30
CA PRO A 319 35.89 -0.07 -8.35
C PRO A 319 34.87 1.05 -8.42
N ARG A 320 33.76 0.84 -9.13
CA ARG A 320 32.75 1.89 -9.28
C ARG A 320 32.07 2.19 -7.95
N VAL A 321 31.77 1.15 -7.17
CA VAL A 321 31.14 1.37 -5.88
C VAL A 321 32.11 2.06 -4.93
N ALA A 322 33.39 1.65 -4.93
CA ALA A 322 34.39 2.32 -4.13
C ALA A 322 34.47 3.81 -4.49
N ALA A 323 34.29 4.13 -5.77
CA ALA A 323 34.33 5.52 -6.21
C ALA A 323 33.13 6.29 -5.69
N THR A 324 31.96 5.65 -5.63
CA THR A 324 30.78 6.31 -5.10
C THR A 324 30.95 6.59 -3.60
N MET A 325 31.49 5.63 -2.87
CA MET A 325 31.73 5.85 -1.44
C MET A 325 32.76 6.93 -1.22
N GLU A 326 33.81 6.97 -2.06
CA GLU A 326 34.80 8.02 -1.94
C GLU A 326 34.17 9.39 -2.14
N ASN A 327 33.24 9.50 -3.09
CA ASN A 327 32.54 10.76 -3.29
C ASN A 327 31.58 11.07 -2.15
N ALA A 328 30.95 10.02 -1.59
CA ALA A 328 30.04 10.23 -0.48
C ALA A 328 30.78 10.74 0.75
N GLN A 329 31.88 10.09 1.12
CA GLN A 329 32.65 10.53 2.27
C GLN A 329 33.03 11.99 2.14
N LYS A 330 33.46 12.40 0.95
CA LYS A 330 33.80 13.80 0.71
C LYS A 330 32.57 14.69 0.64
N GLY A 331 31.38 14.12 0.62
CA GLY A 331 30.13 14.86 0.62
C GLY A 331 29.44 14.81 1.97
N GLU A 332 28.33 15.56 2.03
CA GLU A 332 27.51 15.65 3.22
C GLU A 332 26.15 15.03 2.93
N ILE A 333 25.66 14.20 3.86
CA ILE A 333 24.34 13.62 3.71
C ILE A 333 23.30 14.72 3.71
N MET A 334 22.27 14.56 2.90
CA MET A 334 21.25 15.58 2.77
C MET A 334 20.46 15.70 4.07
N PRO A 335 20.20 16.90 4.57
CA PRO A 335 19.23 17.05 5.65
C PRO A 335 17.87 16.51 5.22
N ASN A 336 17.15 15.91 6.17
CA ASN A 336 15.83 15.39 5.94
C ASN A 336 14.72 16.35 6.35
N ILE A 337 15.06 17.56 6.78
CA ILE A 337 14.08 18.49 7.33
C ILE A 337 13.03 18.82 6.29
N PRO A 338 11.80 19.15 6.68
CA PRO A 338 10.76 19.50 5.69
C PRO A 338 11.15 20.66 4.79
N GLN A 339 11.97 21.59 5.27
CA GLN A 339 12.32 22.77 4.51
C GLN A 339 13.12 22.46 3.25
N MET A 340 13.57 21.21 3.09
CA MET A 340 14.42 20.88 1.96
C MET A 340 13.75 21.18 0.63
N SER A 341 12.45 20.90 0.52
CA SER A 341 11.76 21.13 -0.75
C SER A 341 11.87 22.59 -1.16
N ALA A 342 11.65 23.52 -0.21
CA ALA A 342 11.84 24.94 -0.51
C ALA A 342 13.28 25.23 -0.89
N PHE A 343 14.23 24.58 -0.22
CA PHE A 343 15.64 24.76 -0.56
C PHE A 343 15.91 24.29 -1.98
N TRP A 344 15.51 23.06 -2.31
CA TRP A 344 15.75 22.54 -3.64
C TRP A 344 15.06 23.39 -4.70
N TYR A 345 13.79 23.74 -4.47
CA TYR A 345 13.06 24.55 -5.43
C TYR A 345 13.76 25.90 -5.62
N ALA A 346 14.24 26.50 -4.54
CA ALA A 346 14.89 27.81 -4.65
C ALA A 346 16.23 27.70 -5.38
N VAL A 347 17.00 26.65 -5.10
CA VAL A 347 18.32 26.51 -5.71
C VAL A 347 18.19 26.19 -7.19
N ARG A 348 17.23 25.34 -7.56
CA ARG A 348 17.03 25.04 -8.98
C ARG A 348 16.80 26.32 -9.78
N THR A 349 16.03 27.26 -9.22
CA THR A 349 15.79 28.52 -9.91
C THR A 349 17.08 29.29 -10.12
N ALA A 350 17.85 29.51 -9.04
CA ALA A 350 19.08 30.30 -9.14
C ALA A 350 20.01 29.73 -10.19
N VAL A 351 20.27 28.42 -10.15
CA VAL A 351 21.15 27.78 -11.12
C VAL A 351 20.63 28.02 -12.53
N ILE A 352 19.32 27.88 -12.73
CA ILE A 352 18.75 28.06 -14.06
C ILE A 352 18.76 29.53 -14.47
N ASN A 353 18.43 30.42 -13.54
CA ASN A 353 18.41 31.84 -13.86
C ASN A 353 19.83 32.38 -14.05
N ALA A 354 20.76 31.94 -13.22
CA ALA A 354 22.14 32.41 -13.36
C ALA A 354 22.82 31.77 -14.57
N ALA A 355 22.55 30.48 -14.81
CA ALA A 355 23.14 29.81 -15.97
C ALA A 355 22.53 30.30 -17.27
N SER A 356 21.21 30.56 -17.27
CA SER A 356 20.57 31.11 -18.45
C SER A 356 21.13 32.47 -18.80
N GLY A 357 21.63 33.21 -17.81
CA GLY A 357 22.05 34.57 -18.00
C GLY A 357 20.96 35.59 -17.73
N ARG A 358 19.81 35.16 -17.21
CA ARG A 358 18.74 36.11 -16.89
C ARG A 358 19.10 36.97 -15.68
N GLN A 359 19.87 36.41 -14.74
CA GLN A 359 20.28 37.13 -13.54
C GLN A 359 21.76 36.92 -13.31
N THR A 360 22.37 37.87 -12.60
CA THR A 360 23.75 37.71 -12.17
C THR A 360 23.83 36.68 -11.05
N VAL A 361 25.00 36.08 -10.91
CA VAL A 361 25.19 35.03 -9.91
C VAL A 361 24.82 35.56 -8.53
N ASP A 362 25.31 36.76 -8.20
CA ASP A 362 24.97 37.35 -6.90
C ASP A 362 23.47 37.59 -6.79
N ALA A 363 22.85 38.13 -7.84
CA ALA A 363 21.41 38.39 -7.80
C ALA A 363 20.63 37.09 -7.70
N ALA A 364 21.06 36.06 -8.41
CA ALA A 364 20.33 34.79 -8.41
C ALA A 364 20.45 34.10 -7.05
N LEU A 365 21.68 33.97 -6.53
CA LEU A 365 21.88 33.27 -5.27
C LEU A 365 21.28 34.04 -4.10
N ALA A 366 21.37 35.37 -4.13
CA ALA A 366 20.77 36.17 -3.07
C ALA A 366 19.27 35.92 -2.99
N ALA A 367 18.62 35.79 -4.14
CA ALA A 367 17.19 35.51 -4.16
C ALA A 367 16.88 34.10 -3.65
N ALA A 368 17.77 33.15 -3.91
CA ALA A 368 17.52 31.78 -3.48
C ALA A 368 17.58 31.64 -1.96
N GLN A 369 18.52 32.34 -1.32
CA GLN A 369 18.60 32.28 0.13
C GLN A 369 17.32 32.79 0.78
N THR A 370 16.70 33.81 0.19
CA THR A 370 15.44 34.34 0.72
C THR A 370 14.32 33.31 0.60
N ASN A 371 14.19 32.69 -0.58
CA ASN A 371 13.09 31.76 -0.80
C ASN A 371 13.29 30.46 -0.03
N ALA A 372 14.54 30.02 0.14
CA ALA A 372 14.79 28.78 0.87
C ALA A 372 14.29 28.87 2.30
N ALA A 373 14.59 29.97 2.98
CA ALA A 373 14.12 30.17 4.35
C ALA A 373 12.60 30.20 4.40
N ALA A 374 11.97 30.86 3.44
CA ALA A 374 10.51 30.92 3.35
C ALA A 374 9.87 31.29 4.69
N THR A 386 -15.02 15.68 3.97
CA THR A 386 -16.33 16.20 4.34
C THR A 386 -17.41 15.15 4.12
N CYS A 387 -17.16 14.20 3.22
CA CYS A 387 -18.11 13.11 3.01
C CYS A 387 -17.96 12.02 4.06
N SER A 388 -16.72 11.62 4.37
CA SER A 388 -16.50 10.49 5.26
C SER A 388 -17.21 9.26 4.71
N PRO A 389 -16.82 8.77 3.52
CA PRO A 389 -17.51 7.62 2.93
C PRO A 389 -17.33 6.32 3.71
N GLU A 390 -16.25 6.19 4.50
CA GLU A 390 -16.08 4.97 5.28
C GLU A 390 -17.28 4.72 6.18
N LEU A 391 -17.83 5.79 6.78
CA LEU A 391 -19.06 5.65 7.55
C LEU A 391 -20.24 5.31 6.67
N LEU A 392 -20.24 5.79 5.42
CA LEU A 392 -21.38 5.56 4.54
C LEU A 392 -21.67 4.08 4.38
N MET A 393 -20.64 3.29 4.09
CA MET A 393 -20.85 1.87 3.85
C MET A 393 -21.48 1.18 5.06
N SER A 394 -21.24 1.71 6.26
CA SER A 394 -21.83 1.11 7.46
C SER A 394 -23.35 1.23 7.46
N LEU A 395 -23.88 2.29 6.83
CA LEU A 395 -25.33 2.50 6.83
C LEU A 395 -26.06 1.52 5.93
N ILE A 396 -25.37 0.86 5.00
CA ILE A 396 -26.02 -0.05 4.07
C ILE A 396 -26.43 -1.31 4.81
N GLN A 397 -27.72 -1.63 4.78
CA GLN A 397 -28.27 -2.78 5.48
C GLN A 397 -28.53 -3.89 4.48
N THR A 398 -28.25 -5.12 4.89
CA THR A 398 -28.46 -6.30 4.04
C THR A 398 -29.66 -7.07 4.59
N LYS A 399 -30.73 -7.11 3.81
CA LYS A 399 -31.91 -7.90 4.12
C LYS A 399 -31.83 -9.21 3.34
N CYS A 400 -32.01 -10.32 4.03
CA CYS A 400 -31.99 -11.64 3.41
C CYS A 400 -33.40 -12.21 3.44
N ALA A 401 -34.03 -12.28 2.28
CA ALA A 401 -35.30 -12.97 2.13
C ALA A 401 -35.03 -14.44 1.81
N ASP A 402 -36.09 -15.21 1.58
CA ASP A 402 -35.92 -16.61 1.26
C ASP A 402 -35.34 -16.79 -0.14
N ASP A 403 -35.92 -16.12 -1.13
CA ASP A 403 -35.45 -16.19 -2.51
C ASP A 403 -34.63 -14.99 -2.97
N ALA A 404 -34.46 -13.97 -2.15
CA ALA A 404 -33.88 -12.71 -2.64
C ALA A 404 -33.09 -11.99 -1.56
N MET A 405 -32.22 -11.10 -2.01
CA MET A 405 -31.45 -10.19 -1.17
C MET A 405 -31.84 -8.76 -1.51
N THR A 406 -32.05 -7.95 -0.48
CA THR A 406 -32.42 -6.55 -0.64
C THR A 406 -31.51 -5.67 0.20
N LEU A 407 -30.97 -4.62 -0.39
CA LEU A 407 -30.15 -3.64 0.29
C LEU A 407 -30.96 -2.37 0.52
N VAL A 408 -30.87 -1.83 1.74
CA VAL A 408 -31.61 -0.63 2.12
C VAL A 408 -30.64 0.36 2.74
N LEU A 409 -30.74 1.63 2.34
CA LEU A 409 -29.93 2.71 2.87
C LEU A 409 -30.86 3.84 3.29
N LYS A 410 -30.90 4.13 4.59
CA LYS A 410 -31.80 5.16 5.09
C LYS A 410 -31.31 6.54 4.68
N LYS A 411 -32.22 7.36 4.16
CA LYS A 411 -31.84 8.70 3.72
C LYS A 411 -31.41 9.58 4.88
N GLU A 412 -32.13 9.51 6.01
CA GLU A 412 -31.79 10.33 7.16
C GLU A 412 -30.33 10.15 7.56
N LEU A 413 -29.89 8.89 7.67
CA LEU A 413 -28.52 8.62 8.06
C LEU A 413 -27.54 9.23 7.07
N VAL A 414 -27.86 9.17 5.77
CA VAL A 414 -26.99 9.75 4.76
C VAL A 414 -26.84 11.24 4.96
N ALA A 415 -27.91 11.90 5.40
CA ALA A 415 -27.86 13.35 5.60
C ALA A 415 -26.80 13.74 6.61
N HIS A 416 -26.64 12.94 7.67
CA HIS A 416 -25.62 13.24 8.68
C HIS A 416 -24.22 13.24 8.08
N LEU A 417 -23.99 12.43 7.05
CA LEU A 417 -22.65 12.28 6.47
C LEU A 417 -22.30 13.39 5.49
N LYS A 418 -23.27 14.15 5.01
CA LYS A 418 -23.01 15.24 4.06
C LYS A 418 -22.44 14.71 2.75
N CYS A 419 -22.94 13.57 2.29
CA CYS A 419 -22.54 13.00 1.02
C CYS A 419 -23.74 12.96 0.08
N THR A 420 -23.45 13.13 -1.21
CA THR A 420 -24.43 12.93 -2.27
C THR A 420 -24.06 11.66 -3.03
N ILE A 421 -24.95 10.69 -3.04
CA ILE A 421 -24.70 9.40 -3.68
C ILE A 421 -25.11 9.51 -5.14
N THR A 422 -24.14 9.31 -6.05
CA THR A 422 -24.45 9.33 -7.47
C THR A 422 -25.10 8.03 -7.92
N GLY A 423 -24.66 6.89 -7.41
CA GLY A 423 -25.26 5.63 -7.78
C GLY A 423 -24.98 4.53 -6.76
N LEU A 424 -25.88 3.56 -6.71
CA LEU A 424 -25.73 2.37 -5.88
C LEU A 424 -26.20 1.17 -6.68
N THR A 425 -25.33 0.16 -6.82
CA THR A 425 -25.65 -1.00 -7.65
C THR A 425 -25.05 -2.25 -7.02
N PHE A 426 -25.34 -3.38 -7.66
CA PHE A 426 -24.64 -4.63 -7.40
C PHE A 426 -23.45 -4.73 -8.36
N TRP A 427 -22.81 -5.90 -8.41
CA TRP A 427 -21.79 -6.13 -9.43
C TRP A 427 -22.34 -5.86 -10.82
N ASP A 428 -23.56 -6.28 -11.09
CA ASP A 428 -24.21 -6.00 -12.35
C ASP A 428 -24.64 -4.54 -12.37
N PRO A 429 -24.03 -3.69 -13.21
CA PRO A 429 -24.47 -2.28 -13.26
C PRO A 429 -25.94 -2.14 -13.66
N SER A 430 -26.49 -3.13 -14.36
CA SER A 430 -27.91 -3.09 -14.73
C SER A 430 -28.80 -2.93 -13.51
N CYS A 431 -28.40 -3.47 -12.36
CA CYS A 431 -29.22 -3.44 -11.16
C CYS A 431 -28.85 -2.20 -10.35
N GLU A 432 -29.75 -1.22 -10.31
CA GLU A 432 -29.51 0.05 -9.66
C GLU A 432 -30.53 0.25 -8.54
N ALA A 433 -30.09 0.89 -7.47
CA ALA A 433 -30.97 1.16 -6.36
C ALA A 433 -32.11 2.08 -6.79
N GLU A 434 -33.26 1.88 -6.17
CA GLU A 434 -34.45 2.69 -6.43
C GLU A 434 -34.72 3.58 -5.23
N ASP A 435 -35.07 4.84 -5.50
CA ASP A 435 -35.32 5.82 -4.47
C ASP A 435 -36.81 5.80 -4.11
N ARG A 436 -37.11 5.38 -2.89
CA ARG A 436 -38.48 5.41 -2.37
C ARG A 436 -38.77 6.68 -1.59
N GLY A 437 -37.79 7.58 -1.51
CA GLY A 437 -37.95 8.90 -0.96
C GLY A 437 -37.66 9.03 0.52
N ASP A 438 -37.87 7.96 1.29
CA ASP A 438 -37.32 7.89 2.64
C ASP A 438 -36.09 6.99 2.74
N LYS A 439 -35.78 6.22 1.70
CA LYS A 439 -34.67 5.28 1.73
C LYS A 439 -34.34 4.90 0.29
N PHE A 440 -33.15 4.32 0.13
CA PHE A 440 -32.74 3.73 -1.14
C PHE A 440 -32.77 2.21 -1.00
N VAL A 441 -33.55 1.56 -1.87
CA VAL A 441 -33.72 0.11 -1.83
C VAL A 441 -33.19 -0.48 -3.13
N LEU A 442 -32.46 -1.60 -3.01
CA LEU A 442 -31.97 -2.35 -4.16
C LEU A 442 -32.23 -3.83 -3.91
N ARG A 443 -33.10 -4.42 -4.73
CA ARG A 443 -33.47 -5.82 -4.58
C ARG A 443 -32.99 -6.62 -5.78
N SER A 444 -32.46 -7.82 -5.50
CA SER A 444 -32.00 -8.73 -6.53
C SER A 444 -32.32 -10.15 -6.13
N ALA A 445 -32.76 -10.94 -7.11
CA ALA A 445 -32.94 -12.37 -6.88
C ALA A 445 -31.58 -13.03 -6.71
N TYR A 446 -31.56 -14.11 -5.92
CA TYR A 446 -30.31 -14.82 -5.66
C TYR A 446 -29.64 -15.28 -6.95
N SER A 447 -30.42 -15.50 -8.00
CA SER A 447 -29.90 -15.94 -9.28
C SER A 447 -29.68 -14.80 -10.26
N SER A 448 -29.88 -13.55 -9.83
CA SER A 448 -29.84 -12.39 -10.70
C SER A 448 -28.80 -11.39 -10.22
N CYS A 449 -28.47 -10.45 -11.10
CA CYS A 449 -27.58 -9.33 -10.76
C CYS A 449 -26.18 -9.82 -10.41
N GLY A 450 -25.73 -10.87 -11.09
CA GLY A 450 -24.39 -11.37 -10.89
C GLY A 450 -24.13 -11.90 -9.50
N MET A 451 -25.17 -12.36 -8.80
CA MET A 451 -24.98 -12.97 -7.50
C MET A 451 -24.05 -14.18 -7.61
N GLN A 452 -23.31 -14.43 -6.55
CA GLN A 452 -22.32 -15.50 -6.51
C GLN A 452 -22.73 -16.50 -5.44
N VAL A 453 -22.89 -17.76 -5.83
CA VAL A 453 -23.29 -18.83 -4.93
C VAL A 453 -22.05 -19.68 -4.67
N SER A 454 -21.53 -19.61 -3.45
CA SER A 454 -20.40 -20.44 -3.05
C SER A 454 -20.35 -20.50 -1.53
N ALA A 455 -19.64 -21.51 -1.04
CA ALA A 455 -19.40 -21.67 0.40
C ALA A 455 -20.71 -21.60 1.18
N SER A 456 -21.77 -22.15 0.60
CA SER A 456 -23.08 -22.19 1.24
C SER A 456 -23.60 -20.78 1.55
N MET A 457 -23.14 -19.79 0.79
CA MET A 457 -23.53 -18.41 0.98
C MET A 457 -23.71 -17.75 -0.38
N ILE A 458 -24.55 -16.72 -0.41
CA ILE A 458 -24.80 -15.92 -1.61
C ILE A 458 -24.16 -14.57 -1.36
N SER A 459 -23.12 -14.26 -2.12
CA SER A 459 -22.33 -13.06 -1.91
C SER A 459 -22.42 -12.14 -3.12
N ASN A 460 -22.47 -10.85 -2.85
CA ASN A 460 -22.37 -9.81 -3.87
C ASN A 460 -21.65 -8.63 -3.23
N GLU A 461 -21.48 -7.56 -4.00
CA GLU A 461 -20.90 -6.34 -3.50
C GLU A 461 -21.77 -5.16 -3.86
N ALA A 462 -21.93 -4.23 -2.92
CA ALA A 462 -22.68 -3.01 -3.16
C ALA A 462 -21.69 -1.96 -3.67
N VAL A 463 -21.87 -1.57 -4.93
CA VAL A 463 -20.99 -0.59 -5.56
C VAL A 463 -21.63 0.78 -5.41
N VAL A 464 -21.00 1.63 -4.61
CA VAL A 464 -21.51 2.96 -4.31
C VAL A 464 -20.60 3.98 -4.98
N ASN A 465 -21.20 4.97 -5.61
CA ASN A 465 -20.48 6.07 -6.22
C ASN A 465 -20.93 7.38 -5.59
N ILE A 466 -19.97 8.15 -5.10
CA ILE A 466 -20.22 9.40 -4.40
C ILE A 466 -19.68 10.55 -5.24
N LEU A 467 -20.41 11.67 -5.23
CA LEU A 467 -19.99 12.83 -6.00
C LEU A 467 -18.59 13.29 -5.61
N SER A 468 -18.21 13.09 -4.34
CA SER A 468 -16.92 13.58 -3.87
C SER A 468 -15.76 12.80 -4.49
N SER A 469 -15.90 11.47 -4.58
CA SER A 469 -14.82 10.60 -5.03
C SER A 469 -15.19 9.96 -6.35
N SER A 470 -14.26 9.99 -7.31
CA SER A 470 -14.50 9.35 -8.60
C SER A 470 -14.53 7.84 -8.48
N SER A 471 -13.70 7.27 -7.60
CA SER A 471 -13.58 5.83 -7.50
C SER A 471 -14.80 5.25 -6.79
N PRO A 472 -15.29 4.08 -7.23
CA PRO A 472 -16.44 3.47 -6.57
C PRO A 472 -16.08 2.89 -5.20
N GLN A 473 -17.07 2.89 -4.32
CA GLN A 473 -16.96 2.28 -2.99
C GLN A 473 -17.63 0.92 -3.01
N ARG A 474 -16.92 -0.10 -2.51
CA ARG A 474 -17.39 -1.48 -2.54
C ARG A 474 -17.53 -2.01 -1.13
N LYS A 475 -18.70 -2.58 -0.83
CA LYS A 475 -18.96 -3.25 0.44
C LYS A 475 -19.45 -4.66 0.14
N LYS A 476 -18.82 -5.65 0.75
CA LYS A 476 -19.20 -7.04 0.53
C LYS A 476 -20.46 -7.36 1.32
N VAL A 477 -21.46 -7.88 0.62
CA VAL A 477 -22.72 -8.30 1.24
C VAL A 477 -22.86 -9.80 1.04
N HIS A 478 -23.47 -10.46 2.03
CA HIS A 478 -23.66 -11.90 2.00
C HIS A 478 -25.02 -12.25 2.56
N CYS A 479 -25.61 -13.32 2.01
CA CYS A 479 -26.81 -13.91 2.55
C CYS A 479 -26.63 -15.42 2.55
N LEU A 480 -27.24 -16.08 3.54
CA LEU A 480 -27.14 -17.52 3.65
C LEU A 480 -28.03 -18.21 2.62
N ASN A 481 -27.50 -19.26 1.99
CA ASN A 481 -28.25 -20.06 1.05
C ASN A 481 -28.69 -21.32 1.76
N MET A 482 -29.99 -21.42 2.04
CA MET A 482 -30.51 -22.57 2.77
C MET A 482 -30.66 -23.80 1.89
N ASP A 483 -30.84 -23.61 0.58
CA ASP A 483 -30.88 -24.76 -0.33
C ASP A 483 -29.59 -25.57 -0.26
N SER A 484 -28.45 -24.91 -0.03
CA SER A 484 -27.19 -25.63 0.13
C SER A 484 -27.21 -26.49 1.39
N LEU A 485 -27.84 -26.01 2.45
CA LEU A 485 -27.86 -26.71 3.71
C LEU A 485 -28.88 -27.85 3.69
N SER A 486 -28.61 -28.88 4.47
CA SER A 486 -29.50 -30.03 4.63
C SER A 486 -29.96 -30.10 6.07
N PHE A 487 -31.27 -30.11 6.28
CA PHE A 487 -31.87 -30.09 7.61
C PHE A 487 -32.50 -31.44 7.90
N GLN A 488 -32.22 -31.96 9.09
CA GLN A 488 -32.77 -33.23 9.53
C GLN A 488 -33.24 -33.10 10.98
N LEU A 489 -34.25 -33.88 11.33
CA LEU A 489 -34.82 -33.87 12.67
C LEU A 489 -34.44 -35.14 13.40
N GLY A 490 -33.67 -35.02 14.46
CA GLY A 490 -33.37 -36.13 15.33
C GLY A 490 -34.33 -36.20 16.51
N LEU A 491 -34.55 -37.41 17.01
CA LEU A 491 -35.36 -37.65 18.19
C LEU A 491 -34.63 -38.66 19.06
N TYR A 492 -34.54 -38.38 20.35
CA TYR A 492 -33.75 -39.19 21.26
C TYR A 492 -34.57 -39.56 22.48
N LEU A 493 -34.41 -40.81 22.92
CA LEU A 493 -35.19 -41.33 24.04
C LEU A 493 -34.74 -40.76 25.38
N SER A 494 -33.47 -40.41 25.50
CA SER A 494 -32.88 -39.87 26.71
C SER A 494 -32.12 -38.60 26.36
N PRO A 495 -31.77 -37.77 27.36
CA PRO A 495 -30.93 -36.59 27.08
C PRO A 495 -29.52 -36.97 26.68
N HIS A 496 -29.40 -37.83 25.68
CA HIS A 496 -28.12 -38.32 25.19
C HIS A 496 -28.31 -38.75 23.75
N PHE A 497 -27.21 -38.84 23.01
CA PHE A 497 -27.29 -39.25 21.61
C PHE A 497 -27.79 -40.68 21.50
N LEU A 498 -28.75 -40.91 20.61
CA LEU A 498 -29.33 -42.23 20.41
C LEU A 498 -29.69 -42.39 18.94
N GLN A 499 -29.73 -43.65 18.51
CA GLN A 499 -29.75 -43.97 17.09
C GLN A 499 -31.16 -44.13 16.51
N ALA A 500 -32.20 -44.18 17.32
CA ALA A 500 -33.56 -44.40 16.84
C ALA A 500 -34.41 -43.17 17.11
N SER A 501 -34.68 -42.39 16.06
CA SER A 501 -35.58 -41.25 16.12
C SER A 501 -36.97 -41.53 15.56
N ASN A 502 -37.21 -42.71 14.99
CA ASN A 502 -38.42 -42.93 14.21
C ASN A 502 -39.65 -43.18 15.08
N THR A 503 -39.47 -43.81 16.25
CA THR A 503 -40.58 -44.21 17.09
C THR A 503 -40.69 -43.28 18.29
N ILE A 504 -41.91 -42.94 18.65
CA ILE A 504 -42.22 -42.09 19.79
C ILE A 504 -43.24 -42.84 20.65
N GLU A 505 -43.11 -42.70 21.97
CA GLU A 505 -44.05 -43.38 22.86
C GLU A 505 -44.73 -42.37 23.78
N PRO A 506 -46.03 -42.50 24.02
CA PRO A 506 -46.70 -41.59 24.95
C PRO A 506 -46.30 -41.84 26.40
N GLY A 507 -46.34 -40.79 27.19
CA GLY A 507 -45.99 -40.86 28.59
C GLY A 507 -44.51 -40.95 28.89
N GLN A 508 -43.67 -41.04 27.86
CA GLN A 508 -42.22 -41.13 28.02
C GLN A 508 -41.58 -39.91 27.38
N GLN A 509 -40.66 -39.27 28.11
CA GLN A 509 -40.05 -38.05 27.62
C GLN A 509 -39.34 -38.28 26.29
N SER A 510 -39.55 -37.36 25.35
CA SER A 510 -38.95 -37.43 24.02
C SER A 510 -38.13 -36.16 23.78
N PHE A 511 -36.95 -36.33 23.20
CA PHE A 511 -35.99 -35.25 23.01
C PHE A 511 -35.68 -35.09 21.54
N VAL A 512 -35.72 -33.84 21.06
CA VAL A 512 -35.60 -33.53 19.65
C VAL A 512 -34.35 -32.68 19.45
N GLN A 513 -33.59 -32.99 18.40
CA GLN A 513 -32.40 -32.23 18.03
C GLN A 513 -32.43 -31.97 16.53
N VAL A 514 -32.17 -30.71 16.15
CA VAL A 514 -32.14 -30.30 14.76
C VAL A 514 -30.68 -30.26 14.31
N ARG A 515 -30.34 -31.07 13.33
CA ARG A 515 -28.99 -31.17 12.82
C ARG A 515 -28.94 -30.68 11.38
N VAL A 516 -27.94 -29.87 11.07
CA VAL A 516 -27.77 -29.29 9.74
C VAL A 516 -26.39 -29.69 9.23
N SER A 517 -26.34 -30.18 7.99
CA SER A 517 -25.07 -30.45 7.34
C SER A 517 -24.98 -29.72 6.00
N PRO A 518 -23.82 -29.14 5.67
CA PRO A 518 -22.65 -28.93 6.53
C PRO A 518 -23.00 -28.08 7.75
N SER A 519 -22.60 -28.51 8.93
CA SER A 519 -22.90 -27.78 10.14
C SER A 519 -22.46 -26.33 9.99
N VAL A 520 -23.37 -25.41 10.32
CA VAL A 520 -23.09 -23.99 10.25
C VAL A 520 -22.79 -23.55 11.68
N SER A 521 -21.50 -23.35 11.97
CA SER A 521 -21.11 -22.85 13.28
C SER A 521 -21.20 -21.33 13.34
N GLU A 522 -21.04 -20.65 12.20
CA GLU A 522 -21.01 -19.20 12.20
C GLU A 522 -22.40 -18.63 12.52
N PHE A 523 -23.45 -19.32 12.12
CA PHE A 523 -24.82 -18.84 12.31
C PHE A 523 -25.39 -19.29 13.64
N LEU A 524 -26.23 -18.43 14.21
CA LEU A 524 -26.99 -18.75 15.42
C LEU A 524 -28.30 -19.41 15.02
N LEU A 525 -28.63 -20.51 15.70
CA LEU A 525 -29.83 -21.28 15.42
C LEU A 525 -30.83 -21.09 16.54
N GLN A 526 -32.08 -20.84 16.18
CA GLN A 526 -33.18 -20.72 17.12
C GLN A 526 -34.44 -21.29 16.47
N LEU A 527 -35.34 -21.79 17.31
CA LEU A 527 -36.58 -22.40 16.85
C LEU A 527 -37.72 -21.41 17.05
N ASP A 528 -38.23 -20.87 15.96
CA ASP A 528 -39.34 -19.91 16.03
C ASP A 528 -40.63 -20.62 16.42
N SER A 529 -40.90 -21.75 15.79
CA SER A 529 -42.16 -22.48 16.02
C SER A 529 -41.89 -23.97 15.85
N CYS A 530 -42.58 -24.77 16.65
CA CYS A 530 -42.61 -26.22 16.46
C CYS A 530 -44.03 -26.70 16.67
N HIS A 531 -44.40 -27.71 15.89
CA HIS A 531 -45.73 -28.29 15.96
C HIS A 531 -45.62 -29.79 15.71
N LEU A 532 -46.57 -30.54 16.25
CA LEU A 532 -46.70 -31.97 16.00
C LEU A 532 -48.10 -32.21 15.45
N ASP A 533 -48.17 -32.75 14.24
CA ASP A 533 -49.43 -32.93 13.52
C ASP A 533 -49.82 -34.40 13.59
N LEU A 534 -50.94 -34.69 14.27
CA LEU A 534 -51.46 -36.04 14.37
C LEU A 534 -52.43 -36.37 13.25
N GLY A 535 -52.62 -35.47 12.29
CA GLY A 535 -53.47 -35.71 11.15
C GLY A 535 -54.93 -35.49 11.48
N PRO A 536 -55.80 -35.72 10.50
CA PRO A 536 -57.24 -35.62 10.77
C PRO A 536 -57.66 -36.56 11.89
N GLU A 537 -58.55 -36.07 12.75
CA GLU A 537 -59.08 -36.82 13.89
C GLU A 537 -58.08 -36.84 15.05
N GLY A 538 -56.82 -36.50 14.80
CA GLY A 538 -55.83 -36.44 15.86
C GLY A 538 -55.57 -35.03 16.37
N GLY A 539 -55.90 -34.03 15.56
CA GLY A 539 -55.62 -32.65 15.93
C GLY A 539 -54.14 -32.34 15.85
N THR A 540 -53.81 -31.09 16.19
CA THR A 540 -52.44 -30.61 16.21
C THR A 540 -52.10 -30.09 17.61
N VAL A 541 -50.93 -30.47 18.10
CA VAL A 541 -50.41 -29.98 19.37
C VAL A 541 -49.29 -29.00 19.06
N GLU A 542 -49.28 -27.87 19.76
CA GLU A 542 -48.28 -26.83 19.58
C GLU A 542 -47.19 -27.05 20.63
N LEU A 543 -46.01 -27.50 20.18
CA LEU A 543 -44.92 -27.76 21.11
C LEU A 543 -44.19 -26.49 21.49
N ILE A 544 -43.93 -25.62 20.51
CA ILE A 544 -43.21 -24.37 20.74
C ILE A 544 -43.88 -23.29 19.91
N GLN A 545 -43.90 -22.07 20.45
CA GLN A 545 -44.40 -20.93 19.71
C GLN A 545 -43.75 -19.66 20.25
N GLY A 546 -43.70 -18.64 19.39
CA GLY A 546 -43.15 -17.37 19.79
C GLY A 546 -41.72 -17.44 20.29
N ARG A 547 -40.95 -18.42 19.83
CA ARG A 547 -39.54 -18.61 20.18
C ARG A 547 -39.40 -19.27 21.54
N ALA A 548 -40.49 -19.51 22.27
CA ALA A 548 -40.44 -20.07 23.61
C ALA A 548 -41.35 -21.29 23.70
N ALA A 549 -41.00 -22.19 24.62
CA ALA A 549 -41.80 -23.40 24.82
C ALA A 549 -43.20 -23.04 25.29
N LYS A 550 -44.18 -23.82 24.85
CA LYS A 550 -45.59 -23.60 25.18
C LYS A 550 -46.11 -24.76 26.01
N GLY A 551 -46.53 -24.47 27.23
CA GLY A 551 -47.16 -25.45 28.08
C GLY A 551 -46.19 -26.11 29.05
N ASN A 552 -46.75 -26.75 30.08
CA ASN A 552 -45.94 -27.47 31.05
C ASN A 552 -45.26 -28.69 30.45
N CYS A 553 -45.88 -29.30 29.44
CA CYS A 553 -45.36 -30.54 28.87
C CYS A 553 -44.13 -30.34 27.99
N VAL A 554 -43.73 -29.09 27.74
CA VAL A 554 -42.59 -28.80 26.86
C VAL A 554 -41.62 -27.91 27.63
N SER A 555 -40.32 -28.17 27.43
CA SER A 555 -39.28 -27.35 28.02
C SER A 555 -38.08 -27.31 27.07
N LEU A 556 -37.46 -26.14 26.96
CA LEU A 556 -36.29 -25.97 26.12
C LEU A 556 -35.04 -26.48 26.83
N LEU A 557 -34.11 -26.98 26.03
CA LEU A 557 -32.83 -27.51 26.54
C LEU A 557 -31.68 -26.65 26.02
N SER A 558 -30.46 -27.04 26.43
CA SER A 558 -29.27 -26.32 26.00
C SER A 558 -28.76 -26.89 24.68
N PRO A 559 -28.22 -26.06 23.79
CA PRO A 559 -27.77 -26.55 22.49
C PRO A 559 -26.60 -27.50 22.61
N SER A 560 -26.36 -28.22 21.51
CA SER A 560 -25.28 -29.18 21.42
C SER A 560 -23.94 -28.45 21.39
N PRO A 561 -22.82 -29.16 21.56
CA PRO A 561 -21.53 -28.51 21.29
C PRO A 561 -21.49 -27.90 19.90
N GLU A 562 -22.03 -28.60 18.92
CA GLU A 562 -22.36 -28.00 17.64
C GLU A 562 -23.57 -27.09 17.81
N GLY A 563 -23.77 -26.20 16.84
CA GLY A 563 -24.84 -25.21 16.93
C GLY A 563 -26.24 -25.82 16.99
N ASP A 564 -26.36 -27.13 16.82
CA ASP A 564 -27.66 -27.79 16.76
C ASP A 564 -28.52 -27.40 17.98
N PRO A 565 -29.72 -26.85 17.78
CA PRO A 565 -30.61 -26.59 18.91
C PRO A 565 -31.28 -27.86 19.42
N ARG A 566 -31.82 -27.76 20.63
CA ARG A 566 -32.47 -28.90 21.26
C ARG A 566 -33.66 -28.43 22.09
N PHE A 567 -34.65 -29.31 22.21
CA PHE A 567 -35.78 -29.08 23.11
C PHE A 567 -36.39 -30.43 23.46
N SER A 568 -37.20 -30.43 24.52
CA SER A 568 -37.87 -31.64 24.98
C SER A 568 -39.37 -31.39 25.07
N PHE A 569 -40.14 -32.46 24.89
CA PHE A 569 -41.59 -32.38 24.98
C PHE A 569 -42.14 -33.70 25.49
N LEU A 570 -43.25 -33.62 26.21
CA LEU A 570 -43.95 -34.79 26.74
C LEU A 570 -45.34 -34.85 26.10
N LEU A 571 -45.69 -36.02 25.57
CA LEU A 571 -46.92 -36.20 24.81
C LEU A 571 -47.87 -37.08 25.60
N HIS A 572 -49.04 -36.53 25.94
CA HIS A 572 -50.05 -37.23 26.72
C HIS A 572 -51.28 -37.47 25.85
N PHE A 573 -51.79 -38.70 25.89
CA PHE A 573 -53.03 -39.06 25.22
C PHE A 573 -54.03 -39.58 26.24
N TYR A 574 -55.24 -39.03 26.22
CA TYR A 574 -56.27 -39.48 27.14
C TYR A 574 -56.94 -40.77 26.69
N THR A 575 -57.04 -41.02 25.39
CA THR A 575 -57.92 -42.04 24.86
C THR A 575 -57.22 -42.88 23.80
N VAL A 576 -57.87 -43.99 23.46
CA VAL A 576 -57.39 -44.98 22.50
C VAL A 576 -58.48 -45.12 21.44
N PRO A 577 -58.10 -45.33 20.16
CA PRO A 577 -56.78 -45.52 19.55
C PRO A 577 -55.90 -44.28 19.54
N ILE A 578 -54.60 -44.51 19.72
CA ILE A 578 -53.59 -43.46 19.66
C ILE A 578 -53.32 -43.21 18.18
N PRO A 579 -53.07 -41.97 17.75
CA PRO A 579 -52.69 -41.75 16.35
C PRO A 579 -51.51 -42.63 15.97
N LYS A 580 -51.64 -43.33 14.85
CA LYS A 580 -50.58 -44.24 14.42
C LYS A 580 -49.31 -43.47 14.10
N THR A 581 -49.42 -42.44 13.25
CA THR A 581 -48.29 -41.70 12.75
C THR A 581 -48.53 -40.22 12.95
N GLY A 582 -47.42 -39.48 13.10
CA GLY A 582 -47.49 -38.03 13.19
C GLY A 582 -46.24 -37.44 12.58
N THR A 583 -46.30 -36.15 12.30
CA THR A 583 -45.18 -35.43 11.71
C THR A 583 -44.79 -34.26 12.58
N LEU A 584 -43.49 -34.14 12.88
CA LEU A 584 -42.96 -33.04 13.66
C LEU A 584 -42.53 -31.90 12.74
N SER A 585 -43.12 -30.74 12.94
CA SER A 585 -42.81 -29.54 12.15
C SER A 585 -42.12 -28.53 13.05
N CYS A 586 -40.94 -28.09 12.65
CA CYS A 586 -40.19 -27.08 13.38
C CYS A 586 -39.61 -26.07 12.40
N THR A 587 -39.85 -24.80 12.68
CA THR A 587 -39.33 -23.71 11.85
C THR A 587 -38.08 -23.14 12.52
N VAL A 588 -36.95 -23.22 11.82
CA VAL A 588 -35.66 -22.77 12.35
C VAL A 588 -35.36 -21.39 11.78
N ALA A 589 -34.73 -20.54 12.60
CA ALA A 589 -34.24 -19.26 12.16
C ALA A 589 -32.71 -19.27 12.16
N LEU A 590 -32.12 -18.74 11.09
CA LEU A 590 -30.67 -18.74 10.91
C LEU A 590 -30.20 -17.30 10.79
N ARG A 591 -29.42 -16.84 11.77
CA ARG A 591 -28.83 -15.51 11.73
C ARG A 591 -27.32 -15.61 11.84
N PRO A 592 -26.57 -14.79 11.10
CA PRO A 592 -25.11 -14.80 11.25
C PRO A 592 -24.69 -14.25 12.61
N LYS A 593 -23.74 -14.93 13.24
CA LYS A 593 -23.19 -14.41 14.49
C LYS A 593 -22.63 -13.01 14.29
N THR A 594 -22.12 -12.71 13.10
CA THR A 594 -21.59 -11.40 12.77
C THR A 594 -22.63 -10.47 12.17
N GLY A 595 -23.81 -10.97 11.84
CA GLY A 595 -24.82 -10.18 11.16
C GLY A 595 -25.94 -9.71 12.08
N SER A 596 -26.75 -8.82 11.53
CA SER A 596 -27.93 -8.32 12.23
C SER A 596 -29.11 -9.24 11.99
N GLN A 597 -30.28 -8.84 12.52
CA GLN A 597 -31.48 -9.64 12.34
C GLN A 597 -31.96 -9.59 10.89
N ASP A 598 -31.71 -8.48 10.19
CA ASP A 598 -32.09 -8.37 8.79
C ASP A 598 -31.65 -9.58 7.99
N GLN A 599 -30.45 -10.08 8.27
CA GLN A 599 -29.89 -11.21 7.55
C GLN A 599 -30.35 -12.55 8.10
N GLU A 600 -31.25 -12.54 9.08
CA GLU A 600 -31.81 -13.78 9.58
C GLU A 600 -32.78 -14.38 8.57
N VAL A 601 -32.65 -15.69 8.37
CA VAL A 601 -33.50 -16.43 7.44
C VAL A 601 -34.16 -17.58 8.19
N HIS A 602 -35.30 -18.03 7.69
CA HIS A 602 -36.12 -19.04 8.36
C HIS A 602 -36.42 -20.17 7.39
N ARG A 603 -36.40 -21.40 7.91
CA ARG A 603 -36.77 -22.58 7.15
C ARG A 603 -37.54 -23.53 8.04
N THR A 604 -38.41 -24.33 7.42
CA THR A 604 -39.25 -25.28 8.13
C THR A 604 -38.78 -26.70 7.82
N VAL A 605 -38.72 -27.54 8.85
CA VAL A 605 -38.29 -28.92 8.73
C VAL A 605 -39.44 -29.83 9.14
N PHE A 606 -39.66 -30.89 8.36
CA PHE A 606 -40.71 -31.85 8.61
C PHE A 606 -40.10 -33.24 8.78
N MET A 607 -40.74 -34.05 9.62
CA MET A 607 -40.36 -35.46 9.77
C MET A 607 -41.59 -36.24 10.18
N ARG A 608 -41.66 -37.49 9.73
CA ARG A 608 -42.79 -38.37 10.00
C ARG A 608 -42.33 -39.47 10.96
N LEU A 609 -43.14 -39.74 11.98
CA LEU A 609 -42.74 -40.59 13.08
C LEU A 609 -43.89 -41.51 13.48
N ASN A 610 -43.54 -42.65 14.06
CA ASN A 610 -44.50 -43.66 14.47
C ASN A 610 -44.80 -43.53 15.96
N ILE A 611 -46.08 -43.41 16.30
CA ILE A 611 -46.53 -43.38 17.69
C ILE A 611 -47.06 -44.76 18.04
N ILE A 612 -46.59 -45.30 19.17
CA ILE A 612 -47.03 -46.61 19.64
C ILE A 612 -47.00 -46.64 21.16
N SER A 613 -47.71 -47.60 21.73
CA SER A 613 -47.74 -47.78 23.18
C SER A 613 -47.96 -49.24 23.53
#